data_7VT7
#
_entry.id   7VT7
#
_cell.length_a   49.729
_cell.length_b   75.293
_cell.length_c   83.390
_cell.angle_alpha   90.000
_cell.angle_beta   90.000
_cell.angle_gamma   90.000
#
_symmetry.space_group_name_H-M   'P 21 21 21'
#
loop_
_entity.id
_entity.type
_entity.pdbx_description
1 polymer 'Endoglucanase H'
2 branched beta-D-glucopyranose-(1-4)-beta-D-glucopyranose
3 non-polymer GLYCEROL
4 non-polymer TRYPTOPHAN
5 water water
#
_entity_poly.entity_id   1
_entity_poly.type   'polypeptide(L)'
_entity_poly.pdbx_seq_one_letter_code
;MGCQSTQLQTPAPDTGGIVELNRQLGRGVNLGNALEAPWEGAWGVRLEEGFFELIREAGFKTIRLPVSWTHHAGRAAPYT
IDPAFFSRVDWAVTQATRRGLNIVVNVHHYDELNANPQAEEARYLSIWRQIAERYRNQPGSVYFELLNEPHGRFNDNPQL
WNDLLAKALRVVRESNPSRAVIVGPVGWNSLWRLSELRLPDDPNLIVTFHYYDPLEFTHQGAEWLNPVPPTGVVWHQQNA
IAQAMEFAQRWAEQNRRPIFVGEFGAYEKGDLDSRVRWTGAVRSELEKRNFSWAYWEFAAGFGIYDRTTRQWRTPLLKAL
VPEQPKLKLAAALEHHHHHH
;
_entity_poly.pdbx_strand_id   A
#
# COMPACT_ATOMS: atom_id res chain seq x y z
N GLY A 17 17.03 13.68 -1.00
CA GLY A 17 17.36 12.27 -0.83
C GLY A 17 16.17 11.43 -0.44
N ILE A 18 16.38 10.11 -0.35
CA ILE A 18 15.26 9.20 -0.19
C ILE A 18 14.64 9.28 1.21
N VAL A 19 15.41 9.64 2.23
CA VAL A 19 14.82 9.79 3.56
C VAL A 19 13.81 10.94 3.55
N GLU A 20 14.16 12.02 2.84
CA GLU A 20 13.24 13.14 2.73
C GLU A 20 12.02 12.78 1.88
N LEU A 21 12.21 12.05 0.77
CA LEU A 21 11.04 11.61 -0.01
C LEU A 21 10.12 10.71 0.81
N ASN A 22 10.69 9.86 1.68
CA ASN A 22 9.84 9.06 2.56
C ASN A 22 9.10 9.94 3.58
N ARG A 23 9.80 10.89 4.17
CA ARG A 23 9.15 11.80 5.10
C ARG A 23 8.03 12.57 4.41
N GLN A 24 8.22 12.90 3.12
CA GLN A 24 7.17 13.62 2.39
C GLN A 24 5.94 12.77 2.22
N LEU A 25 6.09 11.44 2.20
CA LEU A 25 4.89 10.60 2.17
C LEU A 25 3.99 10.88 3.37
N GLY A 26 4.57 11.05 4.55
CA GLY A 26 3.81 11.42 5.73
C GLY A 26 2.59 10.55 5.96
N ARG A 27 1.45 11.21 6.19
CA ARG A 27 0.17 10.58 6.42
C ARG A 27 -0.57 10.40 5.09
N GLY A 28 -1.08 9.19 4.85
CA GLY A 28 -1.70 8.90 3.57
C GLY A 28 -2.92 7.99 3.73
N VAL A 29 -3.62 7.80 2.62
CA VAL A 29 -4.76 6.89 2.63
C VAL A 29 -4.82 6.14 1.31
N ASN A 30 -5.24 4.88 1.37
CA ASN A 30 -5.43 4.04 0.20
C ASN A 30 -6.77 4.33 -0.42
N LEU A 31 -6.78 4.45 -1.76
CA LEU A 31 -8.01 4.44 -2.53
C LEU A 31 -8.31 2.98 -2.86
N GLY A 32 -8.86 2.26 -1.85
CA GLY A 32 -9.08 0.83 -1.99
C GLY A 32 -10.50 0.47 -2.47
N ASN A 33 -10.65 -0.81 -2.81
CA ASN A 33 -11.88 -1.37 -3.37
C ASN A 33 -12.22 -0.71 -4.71
N ALA A 34 -11.18 -0.31 -5.43
CA ALA A 34 -11.30 0.49 -6.63
C ALA A 34 -10.54 -0.17 -7.77
N LEU A 35 -9.37 0.36 -8.12
CA LEU A 35 -8.66 -0.11 -9.31
C LEU A 35 -7.93 -1.42 -9.10
N GLU A 36 -7.96 -1.98 -7.88
CA GLU A 36 -7.31 -3.25 -7.63
C GLU A 36 -8.29 -4.40 -7.64
N ALA A 37 -9.58 -4.12 -7.84
CA ALA A 37 -10.60 -5.13 -8.10
C ALA A 37 -10.43 -5.63 -9.55
N PRO A 38 -11.23 -6.60 -10.00
CA PRO A 38 -11.18 -6.98 -11.43
C PRO A 38 -11.45 -5.83 -12.40
N TRP A 39 -12.28 -4.86 -12.01
CA TRP A 39 -12.50 -3.64 -12.76
C TRP A 39 -13.03 -2.61 -11.77
N GLU A 40 -12.95 -1.35 -12.18
CA GLU A 40 -13.24 -0.25 -11.28
C GLU A 40 -14.72 -0.22 -10.95
N GLY A 41 -15.03 -0.44 -9.67
CA GLY A 41 -16.39 -0.51 -9.17
C GLY A 41 -16.81 -1.91 -8.79
N ALA A 42 -16.05 -2.92 -9.24
CA ALA A 42 -16.46 -4.28 -8.93
C ALA A 42 -16.49 -4.54 -7.43
N TRP A 43 -15.63 -3.87 -6.67
CA TRP A 43 -15.58 -4.05 -5.22
C TRP A 43 -16.15 -2.85 -4.48
N GLY A 44 -16.89 -2.00 -5.15
CA GLY A 44 -17.77 -1.05 -4.50
C GLY A 44 -17.35 0.40 -4.57
N VAL A 45 -16.14 0.73 -5.02
CA VAL A 45 -15.67 2.11 -5.03
C VAL A 45 -15.21 2.49 -6.44
N ARG A 46 -15.98 3.32 -7.11
CA ARG A 46 -15.51 4.01 -8.30
C ARG A 46 -14.86 5.32 -7.87
N LEU A 47 -13.70 5.63 -8.45
CA LEU A 47 -13.01 6.86 -8.06
C LEU A 47 -13.74 8.09 -8.60
N GLU A 48 -13.65 9.18 -7.85
CA GLU A 48 -14.24 10.48 -8.20
C GLU A 48 -13.21 11.58 -7.97
N GLU A 49 -13.25 12.62 -8.83
CA GLU A 49 -12.26 13.69 -8.71
C GLU A 49 -12.33 14.34 -7.34
N GLY A 50 -13.53 14.50 -6.80
CA GLY A 50 -13.71 15.13 -5.50
C GLY A 50 -13.01 14.42 -4.36
N PHE A 51 -12.68 13.13 -4.50
CA PHE A 51 -11.96 12.42 -3.44
C PHE A 51 -10.64 13.12 -3.11
N PHE A 52 -9.96 13.66 -4.14
CA PHE A 52 -8.61 14.18 -3.88
C PHE A 52 -8.64 15.37 -2.93
N GLU A 53 -9.52 16.34 -3.20
CA GLU A 53 -9.70 17.48 -2.30
C GLU A 53 -10.13 17.05 -0.91
N LEU A 54 -11.09 16.11 -0.82
CA LEU A 54 -11.55 15.68 0.50
C LEU A 54 -10.38 15.16 1.29
N ILE A 55 -9.54 14.37 0.63
CA ILE A 55 -8.47 13.71 1.35
C ILE A 55 -7.42 14.71 1.76
N ARG A 56 -7.16 15.70 0.90
CA ARG A 56 -6.18 16.70 1.24
C ARG A 56 -6.70 17.55 2.39
N GLU A 57 -8.01 17.87 2.37
CA GLU A 57 -8.49 18.81 3.37
C GLU A 57 -8.52 18.17 4.75
N ALA A 58 -8.61 16.83 4.81
CA ALA A 58 -8.68 16.08 6.06
C ALA A 58 -7.32 15.89 6.71
N GLY A 59 -6.24 16.29 6.05
CA GLY A 59 -4.92 16.29 6.61
C GLY A 59 -3.98 15.27 6.04
N PHE A 60 -4.36 14.57 4.98
CA PHE A 60 -3.48 13.60 4.35
C PHE A 60 -2.66 14.24 3.24
N LYS A 61 -1.43 13.77 3.08
CA LYS A 61 -0.55 14.27 2.04
C LYS A 61 -0.38 13.30 0.88
N THR A 62 -0.83 12.05 1.01
CA THR A 62 -0.50 11.00 0.07
C THR A 62 -1.71 10.12 -0.21
N ILE A 63 -1.85 9.76 -1.48
CA ILE A 63 -2.75 8.73 -1.99
C ILE A 63 -1.91 7.50 -2.29
N ARG A 64 -2.27 6.35 -1.72
CA ARG A 64 -1.79 5.08 -2.27
C ARG A 64 -2.87 4.51 -3.20
N LEU A 65 -2.46 4.20 -4.43
CA LEU A 65 -3.38 3.80 -5.51
C LEU A 65 -3.15 2.33 -5.84
N PRO A 66 -3.87 1.41 -5.21
CA PRO A 66 -3.76 0.01 -5.61
C PRO A 66 -4.29 -0.21 -7.02
N VAL A 67 -3.47 -0.86 -7.88
CA VAL A 67 -3.86 -1.12 -9.26
C VAL A 67 -3.56 -2.56 -9.61
N SER A 68 -4.59 -3.32 -9.99
CA SER A 68 -4.39 -4.72 -10.38
C SER A 68 -4.37 -4.81 -11.90
N TRP A 69 -3.17 -4.56 -12.45
CA TRP A 69 -2.97 -4.48 -13.89
C TRP A 69 -3.28 -5.77 -14.61
N THR A 70 -3.14 -6.91 -13.93
CA THR A 70 -3.28 -8.20 -14.60
C THR A 70 -4.62 -8.34 -15.32
N HIS A 71 -5.69 -7.78 -14.78
CA HIS A 71 -6.98 -7.95 -15.44
C HIS A 71 -7.05 -7.20 -16.76
N HIS A 72 -6.14 -6.27 -16.99
CA HIS A 72 -6.25 -5.30 -18.07
C HIS A 72 -5.12 -5.41 -19.05
N ALA A 73 -4.30 -6.45 -18.96
CA ALA A 73 -3.17 -6.58 -19.86
C ALA A 73 -3.32 -7.83 -20.70
N GLY A 74 -2.82 -7.76 -21.93
CA GLY A 74 -2.85 -8.94 -22.78
C GLY A 74 -2.12 -10.10 -22.14
N ARG A 75 -2.59 -11.32 -22.46
CA ARG A 75 -1.94 -12.52 -21.94
C ARG A 75 -0.76 -12.97 -22.77
N ALA A 76 -0.73 -12.60 -24.05
CA ALA A 76 0.37 -12.90 -24.97
C ALA A 76 1.28 -11.69 -25.08
N ALA A 77 2.57 -11.95 -25.26
CA ALA A 77 3.53 -10.88 -25.47
C ALA A 77 3.03 -9.98 -26.61
N PRO A 78 3.20 -8.65 -26.53
CA PRO A 78 3.97 -7.92 -25.52
C PRO A 78 3.16 -7.51 -24.28
N TYR A 79 2.03 -8.17 -24.03
CA TYR A 79 1.27 -7.99 -22.76
C TYR A 79 0.78 -6.55 -22.59
N THR A 80 0.24 -6.00 -23.68
CA THR A 80 -0.12 -4.58 -23.69
C THR A 80 -1.27 -4.29 -22.74
N ILE A 81 -1.12 -3.21 -21.96
CA ILE A 81 -2.17 -2.79 -21.05
C ILE A 81 -3.24 -2.04 -21.84
N ASP A 82 -4.51 -2.36 -21.57
CA ASP A 82 -5.64 -1.74 -22.23
C ASP A 82 -5.51 -0.22 -22.19
N PRO A 83 -5.62 0.46 -23.33
CA PRO A 83 -5.41 1.90 -23.33
C PRO A 83 -6.43 2.67 -22.50
N ALA A 84 -7.70 2.23 -22.47
CA ALA A 84 -8.68 2.96 -21.67
C ALA A 84 -8.36 2.85 -20.19
N PHE A 85 -7.97 1.66 -19.74
CA PHE A 85 -7.62 1.50 -18.33
C PHE A 85 -6.39 2.33 -18.00
N PHE A 86 -5.40 2.32 -18.90
CA PHE A 86 -4.19 3.12 -18.67
C PHE A 86 -4.54 4.58 -18.53
N SER A 87 -5.47 5.06 -19.37
CA SER A 87 -5.86 6.48 -19.32
C SER A 87 -6.53 6.81 -18.00
N ARG A 88 -7.26 5.86 -17.40
CA ARG A 88 -7.86 6.08 -16.09
C ARG A 88 -6.79 6.22 -15.00
N VAL A 89 -5.74 5.40 -15.07
CA VAL A 89 -4.64 5.58 -14.12
C VAL A 89 -3.94 6.92 -14.36
N ASP A 90 -3.79 7.32 -15.62
CA ASP A 90 -3.24 8.64 -15.92
C ASP A 90 -4.02 9.70 -15.19
N TRP A 91 -5.35 9.62 -15.30
CA TRP A 91 -6.22 10.60 -14.67
C TRP A 91 -6.00 10.63 -13.16
N ALA A 92 -5.92 9.47 -12.51
CA ALA A 92 -5.73 9.48 -11.06
C ALA A 92 -4.38 10.11 -10.70
N VAL A 93 -3.32 9.77 -11.43
CA VAL A 93 -2.01 10.32 -11.16
C VAL A 93 -2.04 11.83 -11.31
N THR A 94 -2.59 12.31 -12.42
CA THR A 94 -2.61 13.75 -12.68
C THR A 94 -3.46 14.50 -11.66
N GLN A 95 -4.63 13.96 -11.32
CA GLN A 95 -5.50 14.70 -10.41
C GLN A 95 -4.91 14.76 -9.02
N ALA A 96 -4.28 13.67 -8.54
CA ALA A 96 -3.61 13.75 -7.25
C ALA A 96 -2.46 14.72 -7.29
N THR A 97 -1.62 14.62 -8.33
CA THR A 97 -0.40 15.42 -8.37
C THR A 97 -0.71 16.91 -8.47
N ARG A 98 -1.64 17.28 -9.35
CA ARG A 98 -1.90 18.70 -9.51
C ARG A 98 -2.47 19.30 -8.26
N ARG A 99 -3.20 18.50 -7.47
CA ARG A 99 -3.84 18.95 -6.24
C ARG A 99 -2.92 18.79 -5.04
N GLY A 100 -1.63 18.58 -5.26
CA GLY A 100 -0.61 18.69 -4.24
C GLY A 100 -0.30 17.41 -3.49
N LEU A 101 -1.00 16.33 -3.80
CA LEU A 101 -0.83 15.06 -3.09
C LEU A 101 0.26 14.23 -3.74
N ASN A 102 0.98 13.50 -2.90
CA ASN A 102 1.80 12.42 -3.44
C ASN A 102 0.89 11.29 -3.91
N ILE A 103 1.38 10.46 -4.83
CA ILE A 103 0.63 9.27 -5.19
C ILE A 103 1.59 8.10 -5.37
N VAL A 104 1.27 6.99 -4.73
CA VAL A 104 2.00 5.73 -4.87
C VAL A 104 1.23 4.86 -5.86
N VAL A 105 1.87 4.55 -6.99
CA VAL A 105 1.28 3.67 -8.00
C VAL A 105 1.93 2.32 -7.84
N ASN A 106 1.14 1.27 -7.65
CA ASN A 106 1.71 -0.05 -7.41
C ASN A 106 1.22 -1.04 -8.46
N VAL A 107 1.72 -2.27 -8.36
CA VAL A 107 1.07 -3.45 -8.88
C VAL A 107 0.50 -4.15 -7.66
N HIS A 108 -0.81 -4.43 -7.67
CA HIS A 108 -1.47 -4.80 -6.42
C HIS A 108 -1.80 -6.27 -6.44
N HIS A 109 -3.04 -6.68 -6.68
CA HIS A 109 -3.33 -8.10 -6.75
C HIS A 109 -2.83 -8.67 -8.06
N TYR A 110 -2.31 -9.88 -7.97
CA TYR A 110 -1.71 -10.50 -9.13
C TYR A 110 -1.61 -11.99 -8.83
N ASP A 111 -2.75 -12.66 -8.80
CA ASP A 111 -2.76 -14.06 -8.38
C ASP A 111 -1.80 -14.91 -9.19
N GLU A 112 -1.71 -14.64 -10.50
CA GLU A 112 -0.88 -15.44 -11.38
C GLU A 112 0.58 -15.38 -10.99
N LEU A 113 1.05 -14.20 -10.60
CA LEU A 113 2.46 -14.01 -10.29
C LEU A 113 2.79 -14.64 -8.94
N ASN A 114 1.91 -14.47 -7.94
CA ASN A 114 2.17 -15.09 -6.66
C ASN A 114 2.13 -16.61 -6.77
N ALA A 115 1.30 -17.15 -7.66
CA ALA A 115 1.23 -18.60 -7.80
C ALA A 115 2.43 -19.16 -8.55
N ASN A 116 2.89 -18.46 -9.59
CA ASN A 116 3.93 -18.98 -10.48
C ASN A 116 4.83 -17.86 -10.92
N PRO A 117 5.74 -17.41 -10.05
CA PRO A 117 6.61 -16.27 -10.39
C PRO A 117 7.41 -16.45 -11.66
N GLN A 118 7.94 -17.66 -11.89
CA GLN A 118 8.74 -17.87 -13.07
C GLN A 118 7.90 -17.79 -14.35
N ALA A 119 6.73 -18.42 -14.36
CA ALA A 119 5.90 -18.41 -15.57
C ALA A 119 5.35 -17.03 -15.88
N GLU A 120 5.06 -16.23 -14.85
CA GLU A 120 4.42 -14.95 -15.03
C GLU A 120 5.41 -13.79 -15.12
N GLU A 121 6.69 -14.08 -14.92
CA GLU A 121 7.73 -13.05 -14.90
C GLU A 121 7.71 -12.15 -16.12
N ALA A 122 7.68 -12.73 -17.34
CA ALA A 122 7.77 -11.89 -18.53
C ALA A 122 6.63 -10.87 -18.60
N ARG A 123 5.42 -11.32 -18.25
CA ARG A 123 4.26 -10.43 -18.28
C ARG A 123 4.37 -9.34 -17.21
N TYR A 124 4.80 -9.72 -16.00
CA TYR A 124 4.97 -8.72 -14.94
C TYR A 124 6.02 -7.68 -15.30
N LEU A 125 7.16 -8.12 -15.88
CA LEU A 125 8.19 -7.17 -16.25
C LEU A 125 7.77 -6.29 -17.41
N SER A 126 6.96 -6.80 -18.33
CA SER A 126 6.39 -5.95 -19.38
C SER A 126 5.45 -4.90 -18.81
N ILE A 127 4.59 -5.31 -17.87
CA ILE A 127 3.73 -4.35 -17.18
C ILE A 127 4.56 -3.24 -16.55
N TRP A 128 5.61 -3.60 -15.79
CA TRP A 128 6.42 -2.53 -15.19
C TRP A 128 7.12 -1.66 -16.24
N ARG A 129 7.57 -2.24 -17.36
CA ARG A 129 8.19 -1.39 -18.37
C ARG A 129 7.19 -0.38 -18.92
N GLN A 130 5.95 -0.83 -19.13
CA GLN A 130 4.93 0.07 -19.64
C GLN A 130 4.65 1.19 -18.64
N ILE A 131 4.48 0.84 -17.36
CA ILE A 131 4.19 1.86 -16.36
C ILE A 131 5.35 2.84 -16.25
N ALA A 132 6.57 2.32 -16.13
CA ALA A 132 7.76 3.15 -15.92
C ALA A 132 7.98 4.09 -17.10
N GLU A 133 7.87 3.57 -18.32
CA GLU A 133 8.10 4.46 -19.45
C GLU A 133 7.03 5.52 -19.51
N ARG A 134 5.79 5.16 -19.19
CA ARG A 134 4.71 6.13 -19.36
C ARG A 134 4.85 7.27 -18.38
N TYR A 135 5.33 6.98 -17.18
CA TYR A 135 5.33 7.96 -16.09
C TYR A 135 6.72 8.48 -15.80
N ARG A 136 7.67 8.28 -16.72
CA ARG A 136 9.06 8.61 -16.44
C ARG A 136 9.26 10.09 -16.13
N ASN A 137 8.43 10.98 -16.70
CA ASN A 137 8.61 12.41 -16.48
C ASN A 137 7.78 12.97 -15.33
N GLN A 138 7.04 12.13 -14.61
CA GLN A 138 6.27 12.65 -13.48
C GLN A 138 7.20 13.18 -12.39
N PRO A 139 6.75 14.17 -11.61
CA PRO A 139 7.58 14.69 -10.52
C PRO A 139 7.81 13.65 -9.42
N GLY A 140 8.68 14.03 -8.47
CA GLY A 140 9.06 13.17 -7.36
C GLY A 140 7.95 12.87 -6.38
N SER A 141 6.81 13.54 -6.48
CA SER A 141 5.66 13.17 -5.68
C SER A 141 4.97 11.91 -6.17
N VAL A 142 5.41 11.36 -7.31
CA VAL A 142 4.92 10.08 -7.83
C VAL A 142 5.92 9.00 -7.50
N TYR A 143 5.44 7.99 -6.77
CA TYR A 143 6.26 6.88 -6.28
C TYR A 143 5.80 5.59 -6.95
N PHE A 144 6.73 4.65 -7.18
CA PHE A 144 6.39 3.33 -7.72
C PHE A 144 6.53 2.31 -6.60
N GLU A 145 5.64 1.33 -6.58
CA GLU A 145 5.69 0.25 -5.59
C GLU A 145 5.60 -1.08 -6.34
N LEU A 146 6.67 -1.89 -6.27
CA LEU A 146 6.88 -3.01 -7.21
C LEU A 146 5.82 -4.10 -7.12
N LEU A 147 5.45 -4.56 -5.91
CA LEU A 147 4.44 -5.63 -5.81
C LEU A 147 3.83 -5.65 -4.42
N ASN A 148 2.54 -5.39 -4.36
CA ASN A 148 1.79 -5.53 -3.11
C ASN A 148 1.90 -6.95 -2.55
N GLU A 149 2.20 -7.06 -1.26
CA GLU A 149 2.05 -8.30 -0.48
C GLU A 149 2.41 -9.58 -1.23
N PRO A 150 3.68 -9.79 -1.56
CA PRO A 150 4.07 -11.08 -2.16
C PRO A 150 3.70 -12.23 -1.25
N HIS A 151 3.20 -13.30 -1.85
CA HIS A 151 2.76 -14.47 -1.08
C HIS A 151 2.89 -15.69 -2.01
N GLY A 152 2.14 -16.75 -1.69
CA GLY A 152 2.19 -17.92 -2.58
C GLY A 152 3.58 -18.51 -2.66
N ARG A 153 4.09 -18.70 -3.87
CA ARG A 153 5.43 -19.29 -4.00
C ARG A 153 6.51 -18.39 -3.43
N PHE A 154 6.25 -17.07 -3.32
CA PHE A 154 7.23 -16.20 -2.67
C PHE A 154 7.34 -16.48 -1.18
N ASN A 155 6.26 -16.98 -0.56
CA ASN A 155 6.37 -17.40 0.83
C ASN A 155 7.18 -18.66 0.95
N ASP A 156 7.02 -19.58 -0.03
CA ASP A 156 7.75 -20.85 0.03
C ASP A 156 9.24 -20.61 -0.08
N ASN A 157 9.63 -19.65 -0.92
CA ASN A 157 11.03 -19.34 -1.18
C ASN A 157 11.15 -17.83 -1.32
N PRO A 158 11.44 -17.12 -0.24
CA PRO A 158 11.57 -15.65 -0.32
C PRO A 158 12.64 -15.17 -1.27
N GLN A 159 13.64 -16.00 -1.57
CA GLN A 159 14.64 -15.58 -2.54
C GLN A 159 14.06 -15.42 -3.94
N LEU A 160 12.93 -16.10 -4.24
CA LEU A 160 12.31 -15.85 -5.55
C LEU A 160 11.88 -14.40 -5.68
N TRP A 161 11.39 -13.82 -4.58
CA TRP A 161 11.03 -12.41 -4.61
C TRP A 161 12.26 -11.52 -4.63
N ASN A 162 13.30 -11.85 -3.88
CA ASN A 162 14.52 -11.04 -4.00
C ASN A 162 15.04 -11.00 -5.46
N ASP A 163 15.04 -12.15 -6.13
CA ASP A 163 15.49 -12.19 -7.52
C ASP A 163 14.58 -11.38 -8.43
N LEU A 164 13.26 -11.55 -8.25
CA LEU A 164 12.32 -10.87 -9.13
C LEU A 164 12.31 -9.38 -8.90
N LEU A 165 12.34 -8.93 -7.65
CA LEU A 165 12.29 -7.51 -7.42
C LEU A 165 13.52 -6.82 -8.01
N ALA A 166 14.69 -7.48 -8.00
CA ALA A 166 15.86 -6.88 -8.63
C ALA A 166 15.64 -6.73 -10.13
N LYS A 167 14.99 -7.73 -10.76
CA LYS A 167 14.69 -7.58 -12.19
C LYS A 167 13.72 -6.42 -12.47
N ALA A 168 12.67 -6.32 -11.65
CA ALA A 168 11.71 -5.25 -11.88
C ALA A 168 12.34 -3.88 -11.62
N LEU A 169 13.15 -3.77 -10.57
CA LEU A 169 13.84 -2.51 -10.31
C LEU A 169 14.72 -2.13 -11.49
N ARG A 170 15.42 -3.12 -12.08
CA ARG A 170 16.26 -2.84 -13.24
C ARG A 170 15.46 -2.28 -14.40
N VAL A 171 14.29 -2.88 -14.65
CA VAL A 171 13.40 -2.36 -15.70
C VAL A 171 12.99 -0.91 -15.42
N VAL A 172 12.53 -0.66 -14.18
CA VAL A 172 12.12 0.70 -13.80
C VAL A 172 13.27 1.69 -13.99
N ARG A 173 14.48 1.29 -13.60
CA ARG A 173 15.62 2.20 -13.63
C ARG A 173 16.08 2.51 -15.06
N GLU A 174 15.72 1.69 -16.04
CA GLU A 174 16.07 2.05 -17.42
C GLU A 174 15.42 3.37 -17.88
N SER A 175 14.25 3.72 -17.35
CA SER A 175 13.56 4.96 -17.68
C SER A 175 13.42 5.94 -16.52
N ASN A 176 13.56 5.48 -15.26
CA ASN A 176 13.35 6.32 -14.08
C ASN A 176 14.57 6.13 -13.20
N PRO A 177 15.67 6.85 -13.48
CA PRO A 177 16.91 6.52 -12.78
C PRO A 177 16.86 6.77 -11.28
N SER A 178 16.05 7.69 -10.80
CA SER A 178 16.11 8.06 -9.39
C SER A 178 14.78 8.11 -8.66
N ARG A 179 13.67 7.79 -9.33
CA ARG A 179 12.38 7.79 -8.64
C ARG A 179 12.40 6.89 -7.42
N ALA A 180 11.75 7.35 -6.35
CA ALA A 180 11.55 6.49 -5.20
C ALA A 180 10.77 5.24 -5.60
N VAL A 181 11.32 4.07 -5.24
CA VAL A 181 10.68 2.79 -5.50
C VAL A 181 10.45 2.14 -4.15
N ILE A 182 9.24 1.65 -3.93
CA ILE A 182 8.81 1.07 -2.67
C ILE A 182 8.78 -0.45 -2.80
N VAL A 183 9.47 -1.15 -1.89
CA VAL A 183 9.68 -2.59 -1.92
C VAL A 183 9.36 -3.17 -0.54
N GLY A 184 8.57 -4.24 -0.48
CA GLY A 184 8.30 -4.90 0.78
C GLY A 184 8.72 -6.37 0.84
N PRO A 185 8.63 -6.96 2.01
CA PRO A 185 9.01 -8.37 2.17
C PRO A 185 7.87 -9.31 1.82
N VAL A 186 8.15 -10.61 1.84
CA VAL A 186 7.12 -11.61 1.59
C VAL A 186 6.24 -11.79 2.83
N GLY A 187 5.48 -12.88 2.89
CA GLY A 187 4.50 -13.03 3.96
C GLY A 187 3.45 -11.95 3.93
N TRP A 188 3.00 -11.57 2.73
CA TRP A 188 2.04 -10.47 2.57
C TRP A 188 2.59 -9.18 3.18
N ASN A 189 3.86 -8.85 2.85
CA ASN A 189 4.52 -7.66 3.40
C ASN A 189 4.54 -7.69 4.93
N SER A 190 4.95 -8.83 5.47
CA SER A 190 5.09 -9.01 6.92
C SER A 190 6.45 -8.49 7.40
N LEU A 191 6.44 -7.63 8.43
CA LEU A 191 7.71 -7.09 8.91
C LEU A 191 8.64 -8.21 9.41
N TRP A 192 8.08 -9.32 9.86
CA TRP A 192 8.94 -10.41 10.34
C TRP A 192 9.75 -11.01 9.22
N ARG A 193 9.30 -10.86 7.97
CA ARG A 193 10.02 -11.39 6.82
C ARG A 193 11.03 -10.39 6.28
N LEU A 194 11.18 -9.21 6.89
CA LEU A 194 12.28 -8.32 6.51
C LEU A 194 13.63 -9.02 6.59
N SER A 195 13.78 -9.95 7.56
CA SER A 195 15.00 -10.72 7.72
C SER A 195 15.45 -11.39 6.44
N GLU A 196 14.49 -11.82 5.60
CA GLU A 196 14.82 -12.56 4.39
C GLU A 196 14.85 -11.67 3.15
N LEU A 197 14.44 -10.41 3.28
CA LEU A 197 14.48 -9.50 2.16
C LEU A 197 15.92 -9.10 1.85
N ARG A 198 16.27 -9.11 0.58
CA ARG A 198 17.58 -8.64 0.15
C ARG A 198 17.35 -7.64 -0.95
N LEU A 199 18.02 -6.50 -0.86
CA LEU A 199 17.77 -5.45 -1.83
C LEU A 199 19.05 -5.05 -2.55
N PRO A 200 18.94 -4.63 -3.81
CA PRO A 200 20.11 -4.12 -4.54
C PRO A 200 20.68 -2.89 -3.88
N ASP A 201 21.91 -2.56 -4.31
CA ASP A 201 22.56 -1.32 -3.93
C ASP A 201 22.00 -0.19 -4.80
N ASP A 202 20.91 0.38 -4.35
CA ASP A 202 20.19 1.45 -5.02
C ASP A 202 19.80 2.46 -3.95
N PRO A 203 20.16 3.72 -4.08
CA PRO A 203 19.96 4.67 -2.98
C PRO A 203 18.56 5.27 -2.91
N ASN A 204 17.65 4.87 -3.78
CA ASN A 204 16.32 5.47 -3.80
C ASN A 204 15.24 4.41 -3.59
N LEU A 205 15.43 3.54 -2.60
CA LEU A 205 14.44 2.55 -2.20
C LEU A 205 13.83 2.93 -0.86
N ILE A 206 12.51 2.76 -0.78
CA ILE A 206 11.77 2.86 0.48
C ILE A 206 11.25 1.48 0.77
N VAL A 207 11.43 1.02 1.98
CA VAL A 207 10.97 -0.32 2.35
C VAL A 207 9.58 -0.19 2.97
N THR A 208 8.69 -1.12 2.63
CA THR A 208 7.34 -1.10 3.17
C THR A 208 6.99 -2.41 3.87
N PHE A 209 6.09 -2.32 4.86
CA PHE A 209 5.37 -3.48 5.34
C PHE A 209 3.95 -3.08 5.65
N HIS A 210 3.09 -4.06 5.87
CA HIS A 210 1.70 -3.78 6.23
C HIS A 210 1.47 -4.28 7.65
N TYR A 211 0.51 -3.68 8.34
CA TYR A 211 0.30 -4.05 9.73
C TYR A 211 -1.18 -4.25 10.01
N TYR A 212 -1.55 -5.50 10.28
CA TYR A 212 -2.93 -5.88 10.57
C TYR A 212 -3.03 -6.80 11.78
N ASP A 213 -1.96 -6.97 12.54
CA ASP A 213 -2.01 -7.83 13.72
C ASP A 213 -2.90 -7.18 14.79
N PRO A 214 -3.76 -7.97 15.47
CA PRO A 214 -4.09 -9.37 15.21
C PRO A 214 -5.15 -9.47 14.10
N LEU A 215 -4.92 -10.36 13.14
CA LEU A 215 -5.87 -10.56 12.05
C LEU A 215 -7.22 -10.94 12.59
N GLU A 216 -7.23 -11.69 13.71
CA GLU A 216 -8.49 -12.08 14.34
C GLU A 216 -9.32 -10.86 14.69
N PHE A 217 -8.67 -9.72 14.94
CA PHE A 217 -9.42 -8.52 15.23
C PHE A 217 -9.65 -7.70 13.97
N THR A 218 -8.56 -7.34 13.28
CA THR A 218 -8.69 -6.39 12.17
C THR A 218 -9.49 -6.97 11.00
N HIS A 219 -9.53 -8.30 10.86
CA HIS A 219 -10.20 -8.94 9.74
C HIS A 219 -11.32 -9.85 10.21
N GLN A 220 -11.86 -9.61 11.40
CA GLN A 220 -13.00 -10.41 11.83
C GLN A 220 -14.15 -10.25 10.86
N GLY A 221 -14.74 -11.39 10.45
CA GLY A 221 -15.83 -11.41 9.49
C GLY A 221 -15.46 -11.10 8.07
N ALA A 222 -14.18 -11.07 7.72
CA ALA A 222 -13.79 -10.80 6.35
C ALA A 222 -13.95 -12.07 5.50
N GLU A 223 -14.91 -12.05 4.57
CA GLU A 223 -15.23 -13.26 3.83
C GLU A 223 -14.14 -13.67 2.85
N TRP A 224 -13.29 -12.75 2.45
CA TRP A 224 -12.25 -13.07 1.48
C TRP A 224 -11.10 -13.83 2.11
N LEU A 225 -11.19 -14.15 3.40
CA LEU A 225 -10.20 -14.98 4.07
C LEU A 225 -10.73 -16.41 4.16
N ASN A 226 -9.81 -17.35 4.22
CA ASN A 226 -10.17 -18.74 4.50
C ASN A 226 -9.12 -19.31 5.44
N PRO A 227 -9.48 -19.63 6.70
CA PRO A 227 -10.86 -19.51 7.17
C PRO A 227 -11.24 -18.06 7.49
N VAL A 228 -12.54 -17.80 7.62
CA VAL A 228 -13.10 -16.51 7.99
C VAL A 228 -13.04 -16.33 9.50
N PRO A 229 -12.33 -15.34 10.03
CA PRO A 229 -12.27 -15.20 11.49
C PRO A 229 -13.62 -14.81 12.06
N PRO A 230 -13.99 -15.35 13.22
CA PRO A 230 -15.29 -15.01 13.80
C PRO A 230 -15.33 -13.56 14.27
N THR A 231 -16.55 -13.01 14.37
CA THR A 231 -16.72 -11.64 14.83
C THR A 231 -16.97 -11.62 16.33
N GLY A 232 -17.21 -10.41 16.86
CA GLY A 232 -17.35 -10.24 18.28
C GLY A 232 -16.05 -10.13 19.03
N VAL A 233 -14.96 -9.83 18.33
CA VAL A 233 -13.63 -9.76 18.93
C VAL A 233 -13.35 -8.31 19.27
N VAL A 234 -13.00 -8.04 20.51
CA VAL A 234 -12.67 -6.71 20.95
C VAL A 234 -11.16 -6.61 21.02
N TRP A 235 -10.65 -5.40 21.18
CA TRP A 235 -9.22 -5.18 21.21
C TRP A 235 -8.89 -4.05 22.17
N HIS A 236 -7.82 -4.24 22.94
CA HIS A 236 -7.18 -3.17 23.67
C HIS A 236 -5.68 -3.36 23.58
N GLN A 237 -4.96 -2.29 23.90
CA GLN A 237 -3.52 -2.27 23.67
C GLN A 237 -2.78 -3.00 24.77
N GLN A 238 -1.80 -3.81 24.35
CA GLN A 238 -0.81 -4.38 25.24
C GLN A 238 0.57 -3.93 24.72
N ASN A 239 1.43 -4.87 24.31
CA ASN A 239 2.80 -4.53 23.92
C ASN A 239 3.16 -4.97 22.51
N ALA A 240 2.24 -5.64 21.82
CA ALA A 240 2.54 -6.23 20.52
C ALA A 240 2.91 -5.15 19.48
N ILE A 241 2.16 -4.05 19.45
CA ILE A 241 2.45 -3.01 18.47
C ILE A 241 3.85 -2.43 18.71
N ALA A 242 4.18 -2.10 19.97
CA ALA A 242 5.50 -1.55 20.22
C ALA A 242 6.60 -2.53 19.86
N GLN A 243 6.39 -3.82 20.18
CA GLN A 243 7.42 -4.81 19.89
C GLN A 243 7.65 -4.92 18.38
N ALA A 244 6.55 -4.96 17.61
CA ALA A 244 6.64 -5.08 16.16
C ALA A 244 7.34 -3.88 15.56
N MET A 245 6.93 -2.66 15.95
CA MET A 245 7.50 -1.49 15.29
C MET A 245 8.95 -1.27 15.69
N GLU A 246 9.34 -1.63 16.91
CA GLU A 246 10.75 -1.54 17.24
C GLU A 246 11.57 -2.54 16.44
N PHE A 247 11.08 -3.77 16.27
CA PHE A 247 11.80 -4.73 15.44
C PHE A 247 12.02 -4.16 14.06
N ALA A 248 10.96 -3.56 13.49
CA ALA A 248 11.09 -3.07 12.12
C ALA A 248 12.04 -1.89 12.05
N GLN A 249 11.99 -1.00 13.05
CA GLN A 249 12.90 0.14 13.07
C GLN A 249 14.35 -0.32 13.16
N ARG A 250 14.64 -1.34 13.97
CA ARG A 250 16.03 -1.80 14.03
C ARG A 250 16.48 -2.40 12.71
N TRP A 251 15.59 -3.13 12.03
CA TRP A 251 15.95 -3.64 10.70
C TRP A 251 16.24 -2.47 9.76
N ALA A 252 15.38 -1.46 9.80
CA ALA A 252 15.54 -0.31 8.91
C ALA A 252 16.85 0.43 9.19
N GLU A 253 17.24 0.52 10.47
CA GLU A 253 18.50 1.19 10.82
C GLU A 253 19.70 0.35 10.39
N GLN A 254 19.63 -0.96 10.64
CA GLN A 254 20.73 -1.85 10.28
C GLN A 254 20.96 -1.84 8.77
N ASN A 255 19.90 -1.65 7.98
CA ASN A 255 20.01 -1.70 6.53
C ASN A 255 19.94 -0.32 5.88
N ARG A 256 19.86 0.76 6.69
CA ARG A 256 19.80 2.15 6.22
C ARG A 256 18.76 2.36 5.11
N ARG A 257 17.52 2.00 5.44
CA ARG A 257 16.37 2.17 4.58
C ARG A 257 15.29 2.91 5.34
N PRO A 258 14.61 3.85 4.70
CA PRO A 258 13.41 4.44 5.30
C PRO A 258 12.21 3.52 5.16
N ILE A 259 11.20 3.74 6.03
CA ILE A 259 10.04 2.86 6.14
C ILE A 259 8.74 3.61 5.89
N PHE A 260 7.88 2.97 5.09
CA PHE A 260 6.53 3.42 4.77
C PHE A 260 5.62 2.24 5.05
N VAL A 261 4.69 2.39 5.99
CA VAL A 261 3.76 1.32 6.30
C VAL A 261 2.51 1.56 5.46
N GLY A 262 2.43 0.86 4.32
CA GLY A 262 1.50 1.22 3.27
C GLY A 262 0.07 0.76 3.46
N GLU A 263 -0.19 -0.08 4.47
CA GLU A 263 -1.55 -0.42 4.84
C GLU A 263 -1.61 -0.74 6.32
N PHE A 264 -2.65 -0.24 6.97
CA PHE A 264 -3.08 -0.69 8.28
C PHE A 264 -4.53 -0.26 8.45
N GLY A 265 -5.33 -1.08 9.14
CA GLY A 265 -6.72 -0.70 9.38
C GLY A 265 -7.51 -1.87 9.91
N ALA A 266 -8.70 -1.56 10.43
CA ALA A 266 -9.55 -2.59 11.03
C ALA A 266 -10.93 -2.56 10.40
N TYR A 267 -11.44 -3.75 10.05
CA TYR A 267 -12.66 -3.88 9.28
C TYR A 267 -13.88 -3.50 10.11
N GLU A 268 -14.92 -2.99 9.44
CA GLU A 268 -16.10 -2.46 10.12
C GLU A 268 -16.92 -3.50 10.88
N LYS A 269 -16.68 -4.79 10.69
CA LYS A 269 -17.39 -5.78 11.51
C LYS A 269 -16.88 -5.83 12.95
N GLY A 270 -15.76 -5.17 13.27
CA GLY A 270 -15.36 -5.04 14.66
C GLY A 270 -16.07 -3.86 15.32
N ASP A 271 -16.20 -3.89 16.65
CA ASP A 271 -16.86 -2.77 17.31
C ASP A 271 -16.02 -1.49 17.16
N LEU A 272 -16.73 -0.36 16.98
CA LEU A 272 -16.07 0.89 16.62
C LEU A 272 -15.04 1.31 17.67
N ASP A 273 -15.39 1.25 18.97
CA ASP A 273 -14.43 1.74 19.94
C ASP A 273 -13.12 0.94 19.90
N SER A 274 -13.21 -0.38 19.69
CA SER A 274 -12.00 -1.19 19.54
C SER A 274 -11.22 -0.77 18.29
N ARG A 275 -11.93 -0.55 17.18
CA ARG A 275 -11.25 -0.13 15.96
C ARG A 275 -10.52 1.19 16.16
N VAL A 276 -11.13 2.13 16.91
CA VAL A 276 -10.50 3.42 17.18
C VAL A 276 -9.28 3.25 18.08
N ARG A 277 -9.40 2.45 19.14
CA ARG A 277 -8.24 2.16 19.99
C ARG A 277 -7.08 1.63 19.15
N TRP A 278 -7.36 0.62 18.31
CA TRP A 278 -6.34 -0.03 17.49
C TRP A 278 -5.73 0.96 16.49
N THR A 279 -6.58 1.73 15.80
CA THR A 279 -6.10 2.64 14.75
C THR A 279 -5.20 3.72 15.35
N GLY A 280 -5.62 4.29 16.48
CA GLY A 280 -4.80 5.32 17.09
C GLY A 280 -3.50 4.77 17.66
N ALA A 281 -3.58 3.59 18.29
CA ALA A 281 -2.38 2.96 18.83
C ALA A 281 -1.36 2.72 17.73
N VAL A 282 -1.82 2.20 16.58
CA VAL A 282 -0.89 1.93 15.49
C VAL A 282 -0.33 3.22 14.91
N ARG A 283 -1.20 4.20 14.61
CA ARG A 283 -0.71 5.47 14.07
C ARG A 283 0.31 6.12 14.99
N SER A 284 0.02 6.11 16.30
CA SER A 284 0.95 6.72 17.24
C SER A 284 2.30 6.02 17.22
N GLU A 285 2.31 4.69 17.19
CA GLU A 285 3.59 4.00 17.20
C GLU A 285 4.34 4.17 15.88
N LEU A 286 3.60 4.18 14.75
CA LEU A 286 4.23 4.44 13.45
C LEU A 286 4.96 5.77 13.48
N GLU A 287 4.29 6.81 13.97
CA GLU A 287 4.92 8.13 13.93
C GLU A 287 6.05 8.24 14.94
N LYS A 288 5.94 7.56 16.09
CA LYS A 288 7.05 7.52 17.05
C LYS A 288 8.32 6.96 16.41
N ARG A 289 8.17 5.99 15.52
CA ARG A 289 9.30 5.35 14.84
C ARG A 289 9.68 6.03 13.52
N ASN A 290 9.06 7.16 13.19
CA ASN A 290 9.36 7.90 11.96
C ASN A 290 9.01 7.11 10.72
N PHE A 291 7.97 6.30 10.81
CA PHE A 291 7.43 5.61 9.64
C PHE A 291 6.35 6.47 9.00
N SER A 292 6.47 6.72 7.68
CA SER A 292 5.32 7.25 6.95
C SER A 292 4.28 6.14 6.83
N TRP A 293 3.05 6.48 6.44
CA TRP A 293 2.04 5.43 6.44
C TRP A 293 0.85 5.76 5.55
N ALA A 294 0.12 4.71 5.16
CA ALA A 294 -1.14 4.90 4.45
C ALA A 294 -2.20 3.98 5.06
N TYR A 295 -3.30 4.60 5.48
CA TYR A 295 -4.40 3.88 6.10
C TYR A 295 -5.19 3.09 5.06
N TRP A 296 -5.60 1.88 5.43
CA TRP A 296 -6.50 1.05 4.63
C TRP A 296 -7.90 1.19 5.23
N GLU A 297 -8.85 1.87 4.58
CA GLU A 297 -8.75 2.60 3.33
C GLU A 297 -9.79 3.71 3.34
N PHE A 298 -9.95 4.43 2.21
CA PHE A 298 -10.72 5.67 2.24
C PHE A 298 -12.21 5.45 2.50
N ALA A 299 -12.88 4.66 1.66
CA ALA A 299 -14.35 4.76 1.63
C ALA A 299 -15.12 3.45 1.72
N ALA A 300 -14.48 2.29 1.82
CA ALA A 300 -15.24 1.05 1.80
C ALA A 300 -15.41 0.47 3.20
N GLY A 301 -15.24 -0.84 3.38
CA GLY A 301 -15.54 -1.52 4.64
C GLY A 301 -14.57 -1.23 5.76
N PHE A 302 -13.43 -0.63 5.44
CA PHE A 302 -12.50 -0.10 6.44
C PHE A 302 -12.55 1.43 6.44
N GLY A 303 -13.53 2.03 5.75
CA GLY A 303 -13.41 3.43 5.37
C GLY A 303 -13.48 4.43 6.52
N ILE A 304 -12.84 5.58 6.28
CA ILE A 304 -13.01 6.74 7.15
C ILE A 304 -13.99 7.75 6.58
N TYR A 305 -14.53 7.50 5.38
CA TYR A 305 -15.49 8.40 4.74
C TYR A 305 -16.66 7.57 4.24
N ASP A 306 -17.88 8.01 4.58
CA ASP A 306 -19.10 7.31 4.17
C ASP A 306 -19.70 8.09 3.01
N ARG A 307 -19.57 7.55 1.80
CA ARG A 307 -20.13 8.19 0.63
C ARG A 307 -21.65 8.25 0.66
N THR A 308 -22.32 7.36 1.39
CA THR A 308 -23.77 7.37 1.36
C THR A 308 -24.32 8.61 2.06
N THR A 309 -23.69 9.03 3.15
CA THR A 309 -24.12 10.22 3.87
C THR A 309 -23.23 11.42 3.58
N ARG A 310 -22.14 11.20 2.85
CA ARG A 310 -21.11 12.19 2.58
C ARG A 310 -20.60 12.80 3.89
N GLN A 311 -20.27 11.93 4.84
CA GLN A 311 -19.76 12.31 6.16
C GLN A 311 -18.53 11.50 6.51
N TRP A 312 -17.57 12.15 7.15
CA TRP A 312 -16.43 11.45 7.72
C TRP A 312 -16.87 10.62 8.90
N ARG A 313 -16.13 9.53 9.14
CA ARG A 313 -16.33 8.73 10.35
C ARG A 313 -15.40 9.33 11.40
N THR A 314 -15.92 10.34 12.12
CA THR A 314 -15.04 11.20 12.92
C THR A 314 -14.18 10.46 13.92
N PRO A 315 -14.68 9.48 14.70
CA PRO A 315 -13.79 8.80 15.65
C PRO A 315 -12.57 8.17 14.98
N LEU A 316 -12.74 7.60 13.78
CA LEU A 316 -11.59 6.99 13.13
C LEU A 316 -10.68 8.03 12.50
N LEU A 317 -11.28 9.07 11.91
CA LEU A 317 -10.45 10.13 11.34
C LEU A 317 -9.59 10.78 12.41
N LYS A 318 -10.16 11.03 13.59
CA LYS A 318 -9.41 11.70 14.63
C LYS A 318 -8.39 10.77 15.24
N ALA A 319 -8.56 9.45 15.11
CA ALA A 319 -7.49 8.56 15.54
C ALA A 319 -6.31 8.64 14.59
N LEU A 320 -6.56 8.96 13.31
CA LEU A 320 -5.48 9.13 12.33
C LEU A 320 -4.85 10.51 12.37
N VAL A 321 -5.66 11.55 12.56
CA VAL A 321 -5.26 12.95 12.45
C VAL A 321 -5.72 13.62 13.74
N PRO A 322 -5.02 13.41 14.85
CA PRO A 322 -5.50 13.92 16.15
C PRO A 322 -5.33 15.44 16.26
N GLU A 323 -6.24 16.06 17.05
CA GLU A 323 -6.20 17.52 17.19
C GLU A 323 -5.11 18.00 18.15
N GLN A 324 -4.65 17.11 19.02
CA GLN A 324 -3.52 17.36 19.89
C GLN A 324 -2.59 16.14 19.81
N PRO A 325 -1.28 16.36 19.92
CA PRO A 325 -0.33 15.29 19.58
C PRO A 325 -0.40 14.05 20.45
N LYS A 326 -0.87 14.16 21.69
CA LYS A 326 -0.95 12.99 22.55
C LYS A 326 -2.36 12.38 22.57
N LEU A 327 -3.26 12.84 21.69
CA LEU A 327 -4.58 12.24 21.56
C LEU A 327 -4.67 11.29 20.39
#